data_1Y13
#
_entry.id   1Y13
#
_cell.length_a   103.319
_cell.length_b   103.319
_cell.length_c   131.111
_cell.angle_alpha   90.00
_cell.angle_beta   90.00
_cell.angle_gamma   90.00
#
_symmetry.space_group_name_H-M   'P 43 21 2'
#
loop_
_entity.id
_entity.type
_entity.pdbx_description
1 polymer '6-pyruvoyl tetrahydropterin synthase'
2 non-polymer 'ZINC ION'
3 non-polymer BIOPTERIN
4 water water
#
_entity_poly.entity_id   1
_entity_poly.type   'polypeptide(L)'
_entity_poly.pdbx_seq_one_letter_code
;MAHHHHHHMMKEETLNSDNSSAEVSVESPSFSFNCAHFIAYNGFRETLHGHNYNVSLKVRGYVRDDGYVIDFSILKEKVK
KVCNKLDHHFILPIYSDVLKFENVKNNIKIICEDNSEYSFPERDCIKLPIKHSSTEEIGQYILNQLIEE(MSE)DVSLLK
SRHIHYIEISVSESPTQKAIVHKYI
;
_entity_poly.pdbx_strand_id   A,B,C
#
loop_
_chem_comp.id
_chem_comp.type
_chem_comp.name
_chem_comp.formula
BIO non-polymer BIOPTERIN 'C9 H11 N5 O3'
ZN non-polymer 'ZINC ION' 'Zn 2'
#
# COMPACT_ATOMS: atom_id res chain seq x y z
N ASN A 19 -5.25 -0.48 19.87
CA ASN A 19 -5.83 0.82 19.38
C ASN A 19 -7.12 0.73 18.50
N SER A 20 -7.99 1.76 18.59
CA SER A 20 -9.38 1.68 18.07
C SER A 20 -9.74 2.43 16.78
N SER A 21 -8.90 3.37 16.34
CA SER A 21 -9.09 3.95 15.02
C SER A 21 -8.94 2.89 13.92
N ALA A 22 -9.69 3.09 12.83
CA ALA A 22 -9.76 2.19 11.70
C ALA A 22 -9.75 3.03 10.42
N GLU A 23 -9.26 2.46 9.32
CA GLU A 23 -9.27 3.13 8.02
C GLU A 23 -10.12 2.39 7.02
N VAL A 24 -10.72 3.14 6.09
CA VAL A 24 -11.30 2.55 4.89
C VAL A 24 -10.69 3.24 3.67
N SER A 25 -10.50 2.48 2.59
CA SER A 25 -9.99 3.04 1.35
C SER A 25 -10.69 2.43 0.18
N VAL A 26 -10.77 3.24 -0.87
CA VAL A 26 -11.34 2.81 -2.15
C VAL A 26 -10.33 3.14 -3.25
N GLU A 27 -10.22 2.24 -4.22
CA GLU A 27 -9.31 2.41 -5.35
C GLU A 27 -9.92 1.68 -6.51
N SER A 28 -9.82 2.24 -7.72
CA SER A 28 -10.28 1.53 -8.91
C SER A 28 -9.70 2.19 -10.14
N PRO A 29 -9.40 1.38 -11.17
CA PRO A 29 -9.15 1.85 -12.55
C PRO A 29 -10.19 2.88 -13.01
N SER A 30 -11.39 2.85 -12.43
CA SER A 30 -12.47 3.73 -12.83
C SER A 30 -12.29 5.13 -12.25
N PHE A 31 -11.56 5.25 -11.12
CA PHE A 31 -11.27 6.56 -10.54
C PHE A 31 -10.11 7.21 -11.31
N SER A 32 -10.38 7.54 -12.57
CA SER A 32 -9.36 8.04 -13.46
C SER A 32 -9.75 9.31 -14.20
N PHE A 33 -8.75 10.08 -14.57
CA PHE A 33 -8.93 11.14 -15.52
C PHE A 33 -7.79 11.08 -16.55
N ASN A 34 -8.15 11.10 -17.83
CA ASN A 34 -7.15 11.00 -18.90
C ASN A 34 -6.90 12.37 -19.48
N CYS A 35 -5.74 12.94 -19.19
CA CYS A 35 -5.43 14.35 -19.51
C CYS A 35 -4.10 14.55 -20.23
N ALA A 36 -4.02 15.64 -20.98
CA ALA A 36 -2.77 16.11 -21.53
C ALA A 36 -2.17 17.16 -20.59
N HIS A 37 -0.84 17.30 -20.64
CA HIS A 37 -0.16 18.32 -19.84
C HIS A 37 1.30 18.42 -20.27
N PHE A 38 2.00 19.43 -19.77
CA PHE A 38 3.44 19.39 -19.78
C PHE A 38 3.93 20.14 -18.56
N ILE A 39 5.00 19.64 -17.97
CA ILE A 39 5.64 20.36 -16.87
C ILE A 39 6.55 21.49 -17.34
N ALA A 40 6.44 22.64 -16.67
CA ALA A 40 7.33 23.75 -16.94
C ALA A 40 7.68 24.41 -15.61
N TYR A 41 8.97 24.55 -15.32
CA TYR A 41 9.46 25.29 -14.17
C TYR A 41 10.71 26.06 -14.60
N ASN A 42 11.38 26.76 -13.69
CA ASN A 42 12.49 27.62 -14.10
C ASN A 42 13.59 26.88 -14.86
N GLY A 43 13.83 27.30 -16.09
CA GLY A 43 14.86 26.69 -16.93
C GLY A 43 14.53 25.32 -17.51
N PHE A 44 13.28 24.87 -17.40
CA PHE A 44 12.88 23.55 -17.91
C PHE A 44 11.47 23.54 -18.46
N ARG A 45 11.32 22.96 -19.65
CA ARG A 45 10.01 22.80 -20.30
C ARG A 45 10.06 21.46 -21.02
N GLU A 46 9.05 20.60 -20.85
CA GLU A 46 9.03 19.35 -21.60
C GLU A 46 7.93 19.41 -22.66
N THR A 47 7.96 18.48 -23.61
CA THR A 47 6.95 18.42 -24.68
C THR A 47 5.59 17.96 -24.15
N LEU A 48 4.53 18.44 -24.81
CA LEU A 48 3.16 17.96 -24.57
C LEU A 48 3.08 16.43 -24.60
N HIS A 49 2.41 15.87 -23.61
CA HIS A 49 2.11 14.44 -23.58
C HIS A 49 0.88 14.25 -22.69
N GLY A 50 0.64 13.04 -22.20
CA GLY A 50 -0.54 12.79 -21.40
C GLY A 50 -0.43 11.58 -20.52
N HIS A 51 -1.43 11.40 -19.66
CA HIS A 51 -1.48 10.31 -18.69
C HIS A 51 -2.91 9.88 -18.41
N ASN A 52 -3.05 8.60 -18.04
CA ASN A 52 -4.19 8.12 -17.28
C ASN A 52 -3.88 8.36 -15.82
N TYR A 53 -4.46 9.38 -15.21
CA TYR A 53 -4.22 9.59 -13.79
C TYR A 53 -5.24 8.80 -13.02
N ASN A 54 -4.81 8.22 -11.91
CA ASN A 54 -5.68 7.39 -11.11
C ASN A 54 -5.65 7.82 -9.65
N VAL A 55 -6.82 7.88 -9.04
CA VAL A 55 -6.97 8.38 -7.66
C VAL A 55 -7.48 7.30 -6.71
N SER A 56 -6.79 7.14 -5.58
CA SER A 56 -7.29 6.33 -4.48
C SER A 56 -7.41 7.18 -3.22
N LEU A 57 -8.46 6.93 -2.45
CA LEU A 57 -8.82 7.71 -1.26
C LEU A 57 -8.88 6.82 -0.02
N LYS A 58 -8.26 7.30 1.05
CA LYS A 58 -8.29 6.61 2.32
C LYS A 58 -8.64 7.61 3.44
N VAL A 59 -9.53 7.21 4.35
CA VAL A 59 -9.90 8.04 5.50
C VAL A 59 -9.74 7.24 6.80
N ARG A 60 -9.27 7.93 7.83
CA ARG A 60 -9.10 7.31 9.14
C ARG A 60 -10.12 7.88 10.10
N GLY A 61 -10.85 6.98 10.74
CA GLY A 61 -11.90 7.34 11.68
C GLY A 61 -12.06 6.26 12.71
N TYR A 62 -13.32 5.95 13.03
CA TYR A 62 -13.70 4.95 14.03
C TYR A 62 -14.88 4.20 13.51
N VAL A 63 -15.02 2.94 13.92
CA VAL A 63 -16.22 2.20 13.60
C VAL A 63 -17.40 2.86 14.34
N ARG A 64 -18.38 3.37 13.61
CA ARG A 64 -19.52 4.04 14.23
C ARG A 64 -20.64 3.05 14.52
N ASP A 65 -21.75 3.56 15.06
CA ASP A 65 -22.92 2.73 15.38
C ASP A 65 -23.66 2.10 14.19
N ASP A 66 -23.35 2.54 12.97
CA ASP A 66 -23.87 1.87 11.77
C ASP A 66 -22.94 0.74 11.28
N GLY A 67 -21.78 0.60 11.92
CA GLY A 67 -20.80 -0.44 11.58
C GLY A 67 -19.69 -0.01 10.63
N TYR A 68 -19.70 1.25 10.23
CA TYR A 68 -18.75 1.80 9.26
C TYR A 68 -17.83 2.87 9.85
N VAL A 69 -16.63 3.01 9.27
CA VAL A 69 -15.89 4.25 9.44
C VAL A 69 -16.69 5.34 8.73
N ILE A 70 -16.99 5.07 7.46
CA ILE A 70 -17.91 5.82 6.58
C ILE A 70 -18.29 4.85 5.44
N ASP A 71 -19.50 4.99 4.89
CA ASP A 71 -19.97 4.15 3.78
C ASP A 71 -19.02 4.21 2.58
N PHE A 72 -18.60 3.05 2.08
CA PHE A 72 -17.73 3.00 0.90
C PHE A 72 -18.38 3.78 -0.26
N SER A 73 -19.71 3.66 -0.41
CA SER A 73 -20.43 4.31 -1.52
C SER A 73 -20.31 5.85 -1.53
N ILE A 74 -20.23 6.46 -0.36
CA ILE A 74 -19.96 7.90 -0.29
C ILE A 74 -18.56 8.24 -0.86
N LEU A 75 -17.55 7.48 -0.46
CA LEU A 75 -16.20 7.77 -0.93
C LEU A 75 -16.11 7.57 -2.44
N LYS A 76 -16.74 6.51 -2.95
CA LYS A 76 -16.67 6.23 -4.39
C LYS A 76 -17.35 7.32 -5.21
N GLU A 77 -18.53 7.74 -4.74
CA GLU A 77 -19.33 8.75 -5.44
C GLU A 77 -18.57 10.07 -5.49
N LYS A 78 -17.89 10.43 -4.40
CA LYS A 78 -17.14 11.70 -4.37
C LYS A 78 -15.86 11.69 -5.21
N VAL A 79 -15.13 10.58 -5.18
CA VAL A 79 -13.95 10.44 -6.04
C VAL A 79 -14.35 10.48 -7.50
N LYS A 80 -15.43 9.79 -7.87
CA LYS A 80 -15.84 9.74 -9.28
C LYS A 80 -16.20 11.13 -9.79
N LYS A 81 -16.86 11.90 -8.95
CA LYS A 81 -17.28 13.25 -9.31
C LYS A 81 -16.10 14.15 -9.61
N VAL A 82 -15.09 14.13 -8.75
CA VAL A 82 -13.92 15.00 -8.93
C VAL A 82 -13.11 14.58 -10.17
N CYS A 83 -12.96 13.27 -10.36
CA CYS A 83 -12.28 12.73 -11.53
C CYS A 83 -12.99 13.10 -12.84
N ASN A 84 -14.32 12.97 -12.86
CA ASN A 84 -15.11 13.32 -14.01
C ASN A 84 -14.92 14.76 -14.49
N LYS A 85 -14.71 15.70 -13.57
CA LYS A 85 -14.53 17.11 -13.92
C LYS A 85 -13.21 17.33 -14.66
N LEU A 86 -12.18 16.58 -14.27
CA LEU A 86 -10.86 16.70 -14.87
C LEU A 86 -10.71 15.94 -16.21
N ASP A 87 -11.38 14.80 -16.32
CA ASP A 87 -11.20 13.85 -17.41
C ASP A 87 -11.32 14.55 -18.78
N HIS A 88 -10.41 14.19 -19.68
CA HIS A 88 -10.42 14.62 -21.10
C HIS A 88 -10.15 16.07 -21.35
N HIS A 89 -9.11 16.59 -20.73
CA HIS A 89 -8.72 17.97 -20.91
C HIS A 89 -7.22 18.07 -20.96
N PHE A 90 -6.75 19.23 -21.42
CA PHE A 90 -5.42 19.69 -21.14
C PHE A 90 -5.44 20.43 -19.80
N ILE A 91 -4.57 20.00 -18.88
CA ILE A 91 -4.45 20.63 -17.58
C ILE A 91 -3.60 21.90 -17.68
N LEU A 92 -4.22 23.04 -17.42
CA LEU A 92 -3.59 24.36 -17.46
C LEU A 92 -3.33 24.85 -16.04
N PRO A 93 -2.05 25.01 -15.66
CA PRO A 93 -1.72 25.49 -14.33
C PRO A 93 -1.69 27.02 -14.28
N ILE A 94 -2.82 27.63 -13.91
CA ILE A 94 -3.00 29.06 -14.05
C ILE A 94 -2.07 29.92 -13.19
N TYR A 95 -1.46 29.28 -12.17
CA TYR A 95 -0.56 30.00 -11.26
C TYR A 95 0.91 29.87 -11.68
N SER A 96 1.14 29.29 -12.86
CA SER A 96 2.49 29.14 -13.37
C SER A 96 3.31 30.44 -13.38
N ASP A 97 4.55 30.35 -12.87
CA ASP A 97 5.49 31.47 -12.90
C ASP A 97 6.33 31.54 -14.17
N VAL A 98 6.18 30.56 -15.05
CA VAL A 98 7.00 30.50 -16.27
C VAL A 98 6.19 30.40 -17.55
N LEU A 99 4.88 30.53 -17.44
CA LEU A 99 4.03 30.52 -18.64
C LEU A 99 3.22 31.79 -18.71
N LYS A 100 3.05 32.35 -19.91
CA LYS A 100 2.14 33.49 -20.09
C LYS A 100 0.90 33.00 -20.82
N PHE A 101 -0.27 33.45 -20.37
CA PHE A 101 -1.51 32.95 -20.95
C PHE A 101 -2.23 34.10 -21.64
N GLU A 102 -2.77 33.82 -22.81
CA GLU A 102 -3.56 34.81 -23.52
C GLU A 102 -4.85 34.12 -23.92
N ASN A 103 -5.93 34.89 -24.00
CA ASN A 103 -7.18 34.30 -24.37
C ASN A 103 -7.67 35.14 -25.52
N VAL A 104 -7.56 34.64 -26.74
CA VAL A 104 -8.01 35.44 -27.87
C VAL A 104 -8.98 34.64 -28.73
N LYS A 105 -10.12 35.27 -29.04
CA LYS A 105 -11.28 34.59 -29.63
C LYS A 105 -11.64 33.36 -28.79
N ASN A 106 -11.83 32.21 -29.40
CA ASN A 106 -12.16 31.03 -28.56
C ASN A 106 -10.98 30.19 -28.05
N ASN A 107 -9.76 30.72 -28.13
CA ASN A 107 -8.57 29.93 -27.80
C ASN A 107 -7.77 30.47 -26.65
N ILE A 108 -7.09 29.57 -25.96
CA ILE A 108 -6.09 29.93 -25.01
C ILE A 108 -4.73 29.70 -25.63
N LYS A 109 -3.90 30.75 -25.64
CA LYS A 109 -2.52 30.66 -26.10
C LYS A 109 -1.62 30.58 -24.88
N ILE A 110 -0.62 29.69 -24.93
CA ILE A 110 0.37 29.59 -23.88
C ILE A 110 1.72 29.91 -24.47
N ILE A 111 2.42 30.87 -23.87
CA ILE A 111 3.76 31.22 -24.33
C ILE A 111 4.77 30.86 -23.25
N CYS A 112 5.76 30.05 -23.63
CA CYS A 112 6.81 29.61 -22.71
C CYS A 112 7.97 30.58 -22.66
N GLU A 113 8.86 30.36 -21.68
CA GLU A 113 10.08 31.15 -21.49
C GLU A 113 10.98 31.17 -22.73
N ASP A 114 11.11 30.03 -23.41
CA ASP A 114 11.92 30.00 -24.63
C ASP A 114 11.15 30.53 -25.85
N ASN A 115 10.01 31.19 -25.61
CA ASN A 115 9.14 31.70 -26.68
C ASN A 115 8.40 30.65 -27.53
N SER A 116 8.48 29.37 -27.18
CA SER A 116 7.63 28.41 -27.88
C SER A 116 6.17 28.61 -27.46
N GLU A 117 5.22 28.26 -28.35
CA GLU A 117 3.80 28.55 -28.13
C GLU A 117 2.90 27.35 -28.38
N TYR A 118 1.80 27.34 -27.65
CA TYR A 118 0.75 26.33 -27.78
C TYR A 118 -0.53 27.12 -27.89
N SER A 119 -1.49 26.59 -28.63
CA SER A 119 -2.83 27.19 -28.66
C SER A 119 -3.85 26.08 -28.69
N PHE A 120 -4.82 26.18 -27.78
CA PHE A 120 -5.90 25.17 -27.64
C PHE A 120 -7.25 25.86 -27.63
N PRO A 121 -8.32 25.19 -28.09
CA PRO A 121 -9.65 25.74 -27.83
C PRO A 121 -9.90 25.88 -26.32
N GLU A 122 -10.53 26.98 -25.90
CA GLU A 122 -10.67 27.24 -24.45
C GLU A 122 -11.35 26.09 -23.73
N ARG A 123 -12.37 25.50 -24.38
CA ARG A 123 -13.10 24.37 -23.80
C ARG A 123 -12.26 23.10 -23.61
N ASP A 124 -11.08 23.04 -24.25
CA ASP A 124 -10.20 21.87 -24.11
C ASP A 124 -9.40 21.92 -22.84
N CYS A 125 -9.34 23.10 -22.21
CA CYS A 125 -8.52 23.28 -21.04
C CYS A 125 -9.34 23.20 -19.74
N ILE A 126 -8.73 22.61 -18.72
CA ILE A 126 -9.27 22.68 -17.37
C ILE A 126 -8.23 23.50 -16.60
N LYS A 127 -8.67 24.67 -16.15
CA LYS A 127 -7.80 25.67 -15.54
C LYS A 127 -7.72 25.38 -14.05
N LEU A 128 -6.62 24.79 -13.60
CA LEU A 128 -6.47 24.48 -12.20
C LEU A 128 -5.63 25.53 -11.50
N PRO A 129 -5.99 25.87 -10.24
CA PRO A 129 -5.26 26.86 -9.45
C PRO A 129 -4.00 26.26 -8.84
N ILE A 130 -3.07 25.88 -9.72
CA ILE A 130 -1.81 25.23 -9.32
C ILE A 130 -0.65 25.86 -10.10
N LYS A 131 0.56 25.79 -9.56
CA LYS A 131 1.70 26.41 -10.26
C LYS A 131 2.32 25.50 -11.31
N HIS A 132 2.26 24.20 -11.06
CA HIS A 132 2.75 23.20 -12.01
C HIS A 132 1.75 22.06 -12.11
N SER A 133 1.62 21.48 -13.30
CA SER A 133 0.79 20.30 -13.47
C SER A 133 1.52 19.01 -13.07
N SER A 134 2.20 19.04 -11.93
CA SER A 134 2.83 17.86 -11.39
C SER A 134 1.78 17.06 -10.67
N THR A 135 2.05 15.78 -10.51
CA THR A 135 1.19 14.83 -9.82
C THR A 135 0.96 15.24 -8.37
N GLU A 136 2.02 15.67 -7.68
CA GLU A 136 1.94 16.28 -6.35
C GLU A 136 0.94 17.43 -6.28
N GLU A 137 1.08 18.42 -7.16
CA GLU A 137 0.19 19.60 -7.12
C GLU A 137 -1.24 19.29 -7.56
N ILE A 138 -1.39 18.42 -8.57
CA ILE A 138 -2.72 17.92 -8.94
C ILE A 138 -3.37 17.18 -7.73
N GLY A 139 -2.61 16.32 -7.06
CA GLY A 139 -3.08 15.68 -5.82
C GLY A 139 -3.59 16.62 -4.73
N GLN A 140 -2.81 17.64 -4.42
CA GLN A 140 -3.23 18.65 -3.45
C GLN A 140 -4.55 19.28 -3.83
N TYR A 141 -4.70 19.65 -5.10
CA TYR A 141 -5.97 20.19 -5.59
C TYR A 141 -7.13 19.16 -5.42
N ILE A 142 -6.90 17.91 -5.82
CA ILE A 142 -7.91 16.88 -5.68
C ILE A 142 -8.33 16.67 -4.19
N LEU A 143 -7.34 16.68 -3.31
CA LEU A 143 -7.59 16.50 -1.88
C LEU A 143 -8.50 17.58 -1.35
N ASN A 144 -8.18 18.84 -1.67
CA ASN A 144 -9.01 19.97 -1.25
C ASN A 144 -10.43 19.84 -1.80
N GLN A 145 -10.57 19.58 -3.09
CA GLN A 145 -11.89 19.32 -3.70
C GLN A 145 -12.70 18.23 -3.00
N LEU A 146 -12.05 17.10 -2.69
CA LEU A 146 -12.75 15.97 -2.08
C LEU A 146 -13.17 16.30 -0.67
N ILE A 147 -12.33 17.04 0.03
CA ILE A 147 -12.69 17.48 1.36
C ILE A 147 -13.94 18.37 1.30
N GLU A 148 -14.03 19.24 0.31
CA GLU A 148 -15.24 20.06 0.13
C GLU A 148 -16.45 19.20 -0.26
N GLU A 149 -16.25 18.28 -1.20
CA GLU A 149 -17.35 17.39 -1.65
C GLU A 149 -17.95 16.60 -0.50
N MSE A 150 -17.08 15.99 0.30
CA MSE A 150 -17.50 15.12 1.40
C MSE A 150 -18.06 15.91 2.56
O MSE A 150 -18.71 15.35 3.44
CB MSE A 150 -16.35 14.26 1.88
CG MSE A 150 -15.96 13.27 0.86
SE MSE A 150 -14.69 12.07 1.65
CE MSE A 150 -12.98 13.19 1.60
N ASP A 151 -17.81 17.21 2.54
CA ASP A 151 -18.34 18.11 3.55
C ASP A 151 -17.61 17.90 4.86
N VAL A 152 -16.83 18.90 5.26
CA VAL A 152 -16.02 18.80 6.49
C VAL A 152 -16.81 18.52 7.78
N SER A 153 -18.07 18.95 7.85
CA SER A 153 -18.88 18.75 9.07
C SER A 153 -19.44 17.34 9.18
N LEU A 154 -19.73 16.71 8.03
CA LEU A 154 -20.03 15.26 7.97
C LEU A 154 -18.85 14.48 8.54
N LEU A 155 -17.66 14.74 8.02
CA LEU A 155 -16.46 14.06 8.46
C LEU A 155 -16.26 14.20 9.97
N LYS A 156 -16.46 15.41 10.50
CA LYS A 156 -16.32 15.68 11.93
C LYS A 156 -17.37 14.97 12.79
N SER A 157 -18.61 14.90 12.30
CA SER A 157 -19.66 14.20 13.07
C SER A 157 -19.36 12.68 13.20
N ARG A 158 -18.65 12.14 12.21
CA ARG A 158 -18.24 10.73 12.25
C ARG A 158 -16.87 10.55 12.90
N HIS A 159 -16.26 11.66 13.30
CA HIS A 159 -14.95 11.64 13.98
C HIS A 159 -13.80 11.17 13.07
N ILE A 160 -13.94 11.46 11.79
CA ILE A 160 -12.86 11.24 10.81
C ILE A 160 -11.82 12.36 11.00
N HIS A 161 -10.56 11.98 11.18
CA HIS A 161 -9.53 12.95 11.58
C HIS A 161 -8.37 13.03 10.59
N TYR A 162 -8.42 12.21 9.55
CA TYR A 162 -7.31 12.12 8.62
C TYR A 162 -7.79 11.64 7.27
N ILE A 163 -7.31 12.29 6.22
CA ILE A 163 -7.68 11.96 4.85
C ILE A 163 -6.41 11.94 3.99
N GLU A 164 -6.33 10.96 3.11
CA GLU A 164 -5.15 10.77 2.28
C GLU A 164 -5.58 10.37 0.89
N ILE A 165 -5.02 11.01 -0.13
CA ILE A 165 -5.21 10.54 -1.48
C ILE A 165 -3.87 10.20 -2.14
N SER A 166 -3.90 9.17 -2.97
CA SER A 166 -2.79 8.84 -3.82
C SER A 166 -3.21 9.17 -5.23
N VAL A 167 -2.34 9.85 -5.96
CA VAL A 167 -2.60 10.12 -7.37
C VAL A 167 -1.45 9.51 -8.15
N SER A 168 -1.75 8.53 -9.00
CA SER A 168 -0.72 7.99 -9.87
C SER A 168 -0.78 8.62 -11.25
N GLU A 169 0.37 8.98 -11.80
CA GLU A 169 0.44 9.45 -13.19
C GLU A 169 0.58 8.30 -14.16
N SER A 170 1.04 7.17 -13.63
CA SER A 170 1.10 5.92 -14.36
C SER A 170 1.11 4.79 -13.31
N PRO A 171 1.02 3.52 -13.74
CA PRO A 171 1.11 2.40 -12.76
C PRO A 171 2.43 2.33 -11.99
N THR A 172 3.46 3.05 -12.44
CA THR A 172 4.77 2.94 -11.78
C THR A 172 5.13 4.13 -10.88
N GLN A 173 4.41 5.24 -10.96
CA GLN A 173 4.77 6.43 -10.18
C GLN A 173 3.58 7.18 -9.60
N LYS A 174 3.62 7.45 -8.31
CA LYS A 174 2.54 8.16 -7.64
C LYS A 174 2.96 9.15 -6.57
N ALA A 175 2.04 10.05 -6.26
CA ALA A 175 2.18 11.01 -5.18
C ALA A 175 1.08 10.77 -4.16
N ILE A 176 1.41 10.98 -2.89
CA ILE A 176 0.51 10.79 -1.79
C ILE A 176 0.49 12.07 -0.96
N VAL A 177 -0.68 12.68 -0.84
CA VAL A 177 -0.84 13.90 -0.07
C VAL A 177 -1.90 13.62 0.99
N HIS A 178 -1.87 14.38 2.08
CA HIS A 178 -2.79 14.14 3.17
C HIS A 178 -3.21 15.41 3.87
N LYS A 179 -4.22 15.28 4.74
CA LYS A 179 -4.63 16.36 5.61
C LYS A 179 -5.20 15.80 6.89
N TYR A 180 -4.74 16.35 8.02
CA TYR A 180 -5.29 16.06 9.32
C TYR A 180 -6.46 17.01 9.50
N ILE A 181 -7.63 16.47 9.83
CA ILE A 181 -8.80 17.30 10.14
C ILE A 181 -9.48 16.81 11.41
N ASN B 19 16.07 4.96 11.58
CA ASN B 19 15.37 4.09 12.58
C ASN B 19 15.42 2.57 12.26
N SER B 20 15.35 1.74 13.30
CA SER B 20 15.60 0.30 13.10
C SER B 20 14.42 -0.69 13.16
N SER B 21 13.22 -0.23 13.47
CA SER B 21 12.04 -1.11 13.33
C SER B 21 11.82 -1.45 11.86
N ALA B 22 11.30 -2.64 11.62
CA ALA B 22 11.02 -3.13 10.27
C ALA B 22 9.68 -3.84 10.25
N GLU B 23 9.07 -3.90 9.06
CA GLU B 23 7.79 -4.56 8.90
C GLU B 23 7.89 -5.69 7.91
N VAL B 24 7.13 -6.75 8.17
CA VAL B 24 6.89 -7.76 7.15
C VAL B 24 5.39 -7.89 6.89
N SER B 25 5.01 -8.11 5.63
CA SER B 25 3.61 -8.34 5.30
C SER B 25 3.41 -9.49 4.34
N VAL B 26 2.27 -10.14 4.48
CA VAL B 26 1.87 -11.22 3.56
C VAL B 26 0.49 -10.88 2.96
N GLU B 27 0.33 -11.19 1.68
CA GLU B 27 -0.93 -10.93 0.98
C GLU B 27 -1.06 -11.96 -0.12
N SER B 28 -2.28 -12.45 -0.35
CA SER B 28 -2.50 -13.44 -1.40
C SER B 28 -3.99 -13.60 -1.68
N PRO B 29 -4.36 -13.72 -2.98
CA PRO B 29 -5.75 -14.10 -3.31
C PRO B 29 -6.16 -15.38 -2.59
N SER B 30 -5.19 -16.13 -2.09
CA SER B 30 -5.45 -17.36 -1.35
C SER B 30 -5.94 -17.12 0.08
N PHE B 31 -5.58 -15.96 0.66
CA PHE B 31 -6.02 -15.59 2.01
C PHE B 31 -7.43 -15.00 1.92
N SER B 32 -8.40 -15.85 1.59
CA SER B 32 -9.74 -15.42 1.26
C SER B 32 -10.83 -16.24 1.94
N PHE B 33 -11.95 -15.61 2.22
CA PHE B 33 -13.18 -16.32 2.55
C PHE B 33 -14.33 -15.80 1.70
N ASN B 34 -15.07 -16.72 1.13
CA ASN B 34 -16.16 -16.37 0.22
C ASN B 34 -17.46 -16.55 0.97
N CYS B 35 -18.08 -15.45 1.36
CA CYS B 35 -19.25 -15.49 2.23
C CYS B 35 -20.45 -14.70 1.75
N ALA B 36 -21.64 -15.05 2.24
CA ALA B 36 -22.82 -14.24 2.03
C ALA B 36 -23.08 -13.38 3.25
N HIS B 37 -23.78 -12.28 3.05
CA HIS B 37 -24.11 -11.40 4.16
C HIS B 37 -25.14 -10.37 3.71
N PHE B 38 -25.65 -9.60 4.65
CA PHE B 38 -26.30 -8.32 4.30
C PHE B 38 -26.12 -7.40 5.46
N ILE B 39 -25.94 -6.13 5.16
CA ILE B 39 -25.84 -5.13 6.21
C ILE B 39 -27.25 -4.71 6.68
N ALA B 40 -27.43 -4.65 8.00
CA ALA B 40 -28.63 -4.09 8.63
C ALA B 40 -28.20 -3.22 9.80
N TYR B 41 -28.65 -1.97 9.82
CA TYR B 41 -28.51 -1.09 10.97
C TYR B 41 -29.81 -0.28 11.09
N ASN B 42 -29.89 0.65 12.04
CA ASN B 42 -31.16 1.35 12.27
C ASN B 42 -31.72 2.07 11.04
N GLY B 43 -32.90 1.61 10.61
CA GLY B 43 -33.61 2.20 9.46
C GLY B 43 -33.08 1.79 8.09
N PHE B 44 -32.20 0.78 8.04
CA PHE B 44 -31.58 0.33 6.79
C PHE B 44 -31.35 -1.18 6.77
N ARG B 45 -31.78 -1.83 5.68
CA ARG B 45 -31.51 -3.25 5.43
C ARG B 45 -31.26 -3.40 3.92
N GLU B 46 -30.24 -4.16 3.52
CA GLU B 46 -30.02 -4.37 2.10
C GLU B 46 -30.27 -5.83 1.82
N THR B 47 -30.32 -6.18 0.54
CA THR B 47 -30.64 -7.54 0.14
C THR B 47 -29.40 -8.42 0.33
N LEU B 48 -29.66 -9.71 0.57
CA LEU B 48 -28.65 -10.73 0.62
C LEU B 48 -27.76 -10.73 -0.64
N HIS B 49 -26.44 -10.74 -0.42
CA HIS B 49 -25.47 -10.81 -1.49
C HIS B 49 -24.21 -11.45 -0.91
N GLY B 50 -23.06 -11.30 -1.53
CA GLY B 50 -21.86 -11.92 -1.02
C GLY B 50 -20.61 -11.32 -1.60
N HIS B 51 -19.46 -11.78 -1.10
CA HIS B 51 -18.17 -11.23 -1.42
C HIS B 51 -17.08 -12.28 -1.32
N ASN B 52 -16.02 -12.13 -2.12
CA ASN B 52 -14.75 -12.74 -1.82
C ASN B 52 -14.01 -11.77 -0.92
N TYR B 53 -13.94 -12.08 0.36
CA TYR B 53 -13.16 -11.24 1.28
C TYR B 53 -11.71 -11.69 1.26
N ASN B 54 -10.80 -10.74 1.28
CA ASN B 54 -9.38 -11.05 1.18
C ASN B 54 -8.64 -10.36 2.30
N VAL B 55 -7.76 -11.10 2.95
CA VAL B 55 -7.05 -10.62 4.14
C VAL B 55 -5.55 -10.46 3.86
N SER B 56 -4.99 -9.30 4.23
CA SER B 56 -3.54 -9.17 4.28
C SER B 56 -3.10 -8.79 5.69
N LEU B 57 -1.92 -9.24 6.08
CA LEU B 57 -1.41 -9.05 7.44
C LEU B 57 -0.03 -8.41 7.46
N LYS B 58 0.13 -7.41 8.30
CA LYS B 58 1.41 -6.72 8.46
C LYS B 58 1.75 -6.71 9.95
N VAL B 59 3.02 -6.93 10.27
CA VAL B 59 3.50 -6.77 11.64
C VAL B 59 4.79 -5.95 11.67
N ARG B 60 4.90 -5.09 12.68
CA ARG B 60 6.07 -4.26 12.88
C ARG B 60 6.86 -4.80 14.07
N GLY B 61 8.14 -5.05 13.84
CA GLY B 61 9.04 -5.51 14.89
C GLY B 61 10.45 -5.07 14.58
N TYR B 62 11.40 -5.97 14.82
CA TYR B 62 12.82 -5.71 14.56
C TYR B 62 13.41 -6.95 13.92
N VAL B 63 14.47 -6.76 13.16
CA VAL B 63 15.21 -7.89 12.63
C VAL B 63 15.89 -8.59 13.81
N ARG B 64 15.50 -9.84 14.07
CA ARG B 64 16.04 -10.60 15.20
C ARG B 64 17.28 -11.37 14.76
N ASP B 65 17.89 -12.11 15.68
CA ASP B 65 19.12 -12.86 15.40
C ASP B 65 18.99 -14.03 14.41
N ASP B 66 17.75 -14.40 14.06
CA ASP B 66 17.54 -15.35 12.97
C ASP B 66 17.43 -14.67 11.59
N GLY B 67 17.47 -13.34 11.58
CA GLY B 67 17.41 -12.57 10.35
C GLY B 67 16.02 -12.08 9.95
N TYR B 68 15.01 -12.39 10.77
CA TYR B 68 13.63 -12.08 10.45
C TYR B 68 13.01 -11.12 11.46
N VAL B 69 12.01 -10.37 11.03
CA VAL B 69 11.09 -9.74 11.98
C VAL B 69 10.32 -10.91 12.63
N ILE B 70 9.77 -11.77 11.77
CA ILE B 70 9.13 -13.06 12.09
C ILE B 70 9.07 -13.84 10.76
N ASP B 71 9.10 -15.16 10.82
CA ASP B 71 9.06 -16.00 9.62
C ASP B 71 7.77 -15.74 8.82
N PHE B 72 7.90 -15.54 7.50
CA PHE B 72 6.73 -15.33 6.62
C PHE B 72 5.74 -16.49 6.80
N SER B 73 6.28 -17.71 6.91
CA SER B 73 5.47 -18.94 6.97
C SER B 73 4.54 -19.02 8.18
N ILE B 74 4.94 -18.46 9.31
CA ILE B 74 4.01 -18.37 10.46
C ILE B 74 2.84 -17.46 10.17
N LEU B 75 3.10 -16.32 9.53
CA LEU B 75 2.04 -15.38 9.18
C LEU B 75 1.06 -16.00 8.18
N LYS B 76 1.61 -16.65 7.17
CA LYS B 76 0.79 -17.28 6.15
C LYS B 76 -0.11 -18.35 6.74
N GLU B 77 0.48 -19.19 7.59
CA GLU B 77 -0.22 -20.31 8.22
C GLU B 77 -1.38 -19.81 9.09
N LYS B 78 -1.15 -18.73 9.84
CA LYS B 78 -2.18 -18.16 10.71
C LYS B 78 -3.33 -17.47 9.96
N VAL B 79 -2.99 -16.73 8.91
CA VAL B 79 -4.00 -16.10 8.07
C VAL B 79 -4.87 -17.18 7.42
N LYS B 80 -4.24 -18.22 6.86
CA LYS B 80 -4.98 -19.28 6.18
C LYS B 80 -6.00 -19.92 7.12
N LYS B 81 -5.55 -20.19 8.35
CA LYS B 81 -6.38 -20.86 9.34
C LYS B 81 -7.65 -20.06 9.65
N VAL B 82 -7.52 -18.76 9.91
CA VAL B 82 -8.67 -17.92 10.26
C VAL B 82 -9.62 -17.80 9.08
N CYS B 83 -9.07 -17.55 7.89
CA CYS B 83 -9.86 -17.53 6.68
C CYS B 83 -10.64 -18.83 6.44
N ASN B 84 -9.97 -19.98 6.62
CA ASN B 84 -10.62 -21.28 6.40
C ASN B 84 -11.87 -21.49 7.25
N LYS B 85 -11.87 -20.97 8.47
CA LYS B 85 -13.02 -21.10 9.37
C LYS B 85 -14.22 -20.32 8.89
N LEU B 86 -13.99 -19.16 8.28
CA LEU B 86 -15.07 -18.31 7.79
C LEU B 86 -15.61 -18.73 6.44
N ASP B 87 -14.74 -19.30 5.62
CA ASP B 87 -15.03 -19.54 4.22
C ASP B 87 -16.34 -20.35 4.04
N HIS B 88 -17.13 -19.95 3.06
CA HIS B 88 -18.33 -20.66 2.62
C HIS B 88 -19.49 -20.68 3.60
N HIS B 89 -19.78 -19.56 4.23
CA HIS B 89 -20.96 -19.45 5.06
C HIS B 89 -21.69 -18.12 4.83
N PHE B 90 -22.87 -18.03 5.40
CA PHE B 90 -23.54 -16.78 5.62
C PHE B 90 -23.02 -16.21 6.94
N ILE B 91 -22.56 -14.97 6.91
CA ILE B 91 -22.05 -14.37 8.14
C ILE B 91 -23.20 -13.76 8.96
N LEU B 92 -23.36 -14.24 10.19
CA LEU B 92 -24.45 -13.82 11.03
C LEU B 92 -23.91 -13.02 12.21
N PRO B 93 -24.25 -11.72 12.28
CA PRO B 93 -23.79 -10.88 13.36
C PRO B 93 -24.68 -11.02 14.61
N ILE B 94 -24.25 -11.85 15.59
CA ILE B 94 -25.11 -12.21 16.72
C ILE B 94 -25.44 -11.07 17.65
N TYR B 95 -24.62 -10.02 17.62
CA TYR B 95 -24.83 -8.86 18.46
C TYR B 95 -25.74 -7.81 17.83
N SER B 96 -26.33 -8.10 16.66
CA SER B 96 -27.17 -7.14 15.95
C SER B 96 -28.31 -6.57 16.79
N ASP B 97 -28.47 -5.25 16.76
CA ASP B 97 -29.58 -4.61 17.47
C ASP B 97 -30.84 -4.45 16.62
N VAL B 98 -30.82 -4.90 15.37
CA VAL B 98 -31.96 -4.74 14.47
C VAL B 98 -32.40 -6.05 13.81
N LEU B 99 -31.84 -7.17 14.24
CA LEU B 99 -32.21 -8.46 13.67
C LEU B 99 -32.56 -9.35 14.81
N LYS B 100 -33.53 -10.21 14.58
CA LYS B 100 -33.99 -11.23 15.54
C LYS B 100 -33.68 -12.62 14.98
N PHE B 101 -33.15 -13.52 15.79
CA PHE B 101 -32.82 -14.86 15.31
C PHE B 101 -33.60 -15.92 16.06
N GLU B 102 -34.01 -16.97 15.37
CA GLU B 102 -34.71 -18.07 16.00
C GLU B 102 -34.28 -19.37 15.36
N ASN B 103 -34.06 -20.40 16.15
CA ASN B 103 -33.84 -21.73 15.61
C ASN B 103 -35.17 -22.45 15.40
N VAL B 104 -35.44 -22.85 14.16
CA VAL B 104 -36.62 -23.64 13.90
C VAL B 104 -36.16 -24.90 13.21
N LYS B 105 -36.30 -26.03 13.90
CA LYS B 105 -35.81 -27.33 13.44
C LYS B 105 -34.31 -27.24 13.13
N ASN B 106 -33.91 -27.47 11.88
CA ASN B 106 -32.49 -27.40 11.53
C ASN B 106 -32.07 -26.07 10.94
N ASN B 107 -32.94 -25.07 11.09
CA ASN B 107 -32.77 -23.78 10.41
C ASN B 107 -32.64 -22.63 11.40
N ILE B 108 -31.89 -21.61 11.02
CA ILE B 108 -31.92 -20.35 11.73
C ILE B 108 -32.79 -19.39 10.92
N LYS B 109 -33.73 -18.78 11.59
CA LYS B 109 -34.62 -17.83 10.99
C LYS B 109 -34.16 -16.46 11.43
N ILE B 110 -34.11 -15.54 10.49
CA ILE B 110 -33.68 -14.17 10.74
C ILE B 110 -34.84 -13.26 10.42
N ILE B 111 -35.26 -12.46 11.40
CA ILE B 111 -36.36 -11.52 11.17
C ILE B 111 -35.86 -10.10 11.31
N CYS B 112 -36.11 -9.32 10.25
CA CYS B 112 -35.70 -7.92 10.14
C CYS B 112 -36.74 -6.96 10.70
N GLU B 113 -36.30 -5.71 10.92
CA GLU B 113 -37.16 -4.63 11.46
C GLU B 113 -38.43 -4.41 10.64
N ASP B 114 -38.30 -4.52 9.31
CA ASP B 114 -39.44 -4.41 8.39
C ASP B 114 -40.24 -5.71 8.30
N ASN B 115 -39.93 -6.66 9.18
CA ASN B 115 -40.61 -7.95 9.24
C ASN B 115 -40.36 -8.91 8.06
N SER B 116 -39.38 -8.59 7.23
CA SER B 116 -38.96 -9.54 6.22
C SER B 116 -38.12 -10.63 6.88
N GLU B 117 -38.12 -11.82 6.27
CA GLU B 117 -37.59 -13.05 6.90
C GLU B 117 -36.61 -13.78 5.99
N TYR B 118 -35.57 -14.35 6.58
CA TYR B 118 -34.69 -15.29 5.93
C TYR B 118 -34.70 -16.55 6.77
N SER B 119 -34.44 -17.69 6.11
CA SER B 119 -34.29 -18.94 6.81
C SER B 119 -33.19 -19.74 6.14
N PHE B 120 -32.16 -20.13 6.89
CA PHE B 120 -31.04 -20.91 6.36
C PHE B 120 -30.79 -22.12 7.27
N PRO B 121 -30.27 -23.23 6.71
CA PRO B 121 -29.79 -24.31 7.57
C PRO B 121 -28.75 -23.79 8.55
N GLU B 122 -28.85 -24.25 9.79
CA GLU B 122 -27.94 -23.77 10.82
C GLU B 122 -26.50 -23.99 10.37
N ARG B 123 -26.19 -25.10 9.73
CA ARG B 123 -24.81 -25.29 9.30
C ARG B 123 -24.27 -24.35 8.19
N ASP B 124 -25.16 -23.62 7.51
CA ASP B 124 -24.74 -22.59 6.53
C ASP B 124 -24.28 -21.28 7.16
N CYS B 125 -24.57 -21.11 8.44
CA CYS B 125 -24.31 -19.82 9.10
C CYS B 125 -23.05 -19.90 9.98
N ILE B 126 -22.25 -18.85 10.00
CA ILE B 126 -21.19 -18.75 11.00
C ILE B 126 -21.59 -17.55 11.84
N LYS B 127 -21.78 -17.79 13.13
CA LYS B 127 -22.19 -16.76 14.07
C LYS B 127 -20.96 -16.04 14.61
N LEU B 128 -20.83 -14.77 14.29
CA LEU B 128 -19.66 -13.97 14.72
C LEU B 128 -20.11 -12.98 15.77
N PRO B 129 -19.27 -12.77 16.80
CA PRO B 129 -19.64 -11.79 17.83
C PRO B 129 -19.38 -10.37 17.35
N ILE B 130 -20.22 -9.90 16.43
CA ILE B 130 -20.13 -8.58 15.82
C ILE B 130 -21.53 -8.03 15.71
N LYS B 131 -21.67 -6.71 15.70
CA LYS B 131 -22.97 -6.06 15.61
C LYS B 131 -23.48 -5.98 14.16
N HIS B 132 -22.55 -5.79 13.23
CA HIS B 132 -22.87 -5.68 11.80
C HIS B 132 -21.85 -6.48 10.99
N SER B 133 -22.26 -7.06 9.88
CA SER B 133 -21.34 -7.79 9.03
C SER B 133 -20.62 -6.85 8.06
N SER B 134 -20.18 -5.72 8.58
CA SER B 134 -19.44 -4.76 7.78
C SER B 134 -18.01 -5.24 7.75
N THR B 135 -17.28 -4.79 6.75
CA THR B 135 -15.89 -5.17 6.54
C THR B 135 -14.99 -4.70 7.70
N GLU B 136 -15.30 -3.53 8.27
CA GLU B 136 -14.60 -3.01 9.45
C GLU B 136 -14.76 -3.96 10.64
N GLU B 137 -15.99 -4.41 10.91
CA GLU B 137 -16.22 -5.25 12.11
C GLU B 137 -15.74 -6.67 11.92
N ILE B 138 -15.88 -7.19 10.72
CA ILE B 138 -15.26 -8.45 10.39
C ILE B 138 -13.74 -8.38 10.58
N GLY B 139 -13.13 -7.31 10.07
CA GLY B 139 -11.71 -7.09 10.25
C GLY B 139 -11.27 -7.06 11.70
N GLN B 140 -12.04 -6.36 12.55
CA GLN B 140 -11.78 -6.36 14.00
C GLN B 140 -11.81 -7.76 14.58
N TYR B 141 -12.82 -8.55 14.22
CA TYR B 141 -12.91 -9.95 14.63
C TYR B 141 -11.68 -10.76 14.20
N ILE B 142 -11.33 -10.69 12.92
CA ILE B 142 -10.18 -11.40 12.38
C ILE B 142 -8.89 -11.00 13.07
N LEU B 143 -8.73 -9.71 13.37
CA LEU B 143 -7.55 -9.23 14.03
C LEU B 143 -7.40 -9.87 15.40
N ASN B 144 -8.46 -9.84 16.21
CA ASN B 144 -8.39 -10.48 17.50
C ASN B 144 -8.06 -11.97 17.34
N GLN B 145 -8.78 -12.68 16.47
CA GLN B 145 -8.46 -14.10 16.21
C GLN B 145 -6.99 -14.34 15.85
N LEU B 146 -6.44 -13.54 14.95
CA LEU B 146 -5.04 -13.70 14.49
C LEU B 146 -4.09 -13.45 15.62
N ILE B 147 -4.40 -12.44 16.43
CA ILE B 147 -3.61 -12.14 17.62
C ILE B 147 -3.56 -13.33 18.55
N GLU B 148 -4.69 -14.06 18.66
CA GLU B 148 -4.73 -15.24 19.53
C GLU B 148 -3.99 -16.43 18.92
N GLU B 149 -4.16 -16.62 17.60
CA GLU B 149 -3.49 -17.71 16.87
C GLU B 149 -1.96 -17.60 16.91
N MSE B 150 -1.45 -16.40 16.68
CA MSE B 150 -0.01 -16.15 16.71
C MSE B 150 0.55 -16.15 18.10
O MSE B 150 1.78 -16.26 18.29
CB MSE B 150 0.31 -14.81 16.06
CG MSE B 150 0.09 -14.83 14.58
SE MSE B 150 0.56 -13.13 13.82
CE MSE B 150 -1.01 -12.02 14.49
N ASP B 151 -0.35 -16.04 19.08
CA ASP B 151 0.02 -16.09 20.49
C ASP B 151 0.78 -14.82 20.92
N VAL B 152 0.11 -14.01 21.73
CA VAL B 152 0.66 -12.74 22.26
C VAL B 152 2.08 -12.79 22.83
N SER B 153 2.46 -13.90 23.44
CA SER B 153 3.75 -14.01 24.11
C SER B 153 4.89 -14.30 23.14
N LEU B 154 4.57 -15.02 22.07
CA LEU B 154 5.51 -15.21 20.95
C LEU B 154 5.83 -13.85 20.37
N LEU B 155 4.79 -13.07 20.07
CA LEU B 155 4.96 -11.74 19.50
C LEU B 155 5.81 -10.85 20.42
N LYS B 156 5.55 -10.91 21.71
CA LYS B 156 6.33 -10.12 22.68
C LYS B 156 7.77 -10.54 22.77
N SER B 157 8.05 -11.85 22.66
CA SER B 157 9.45 -12.35 22.77
C SER B 157 10.28 -11.87 21.59
N ARG B 158 9.63 -11.70 20.44
CA ARG B 158 10.28 -11.18 19.23
C ARG B 158 10.24 -9.65 19.18
N HIS B 159 9.56 -9.02 20.14
CA HIS B 159 9.49 -7.54 20.22
C HIS B 159 8.62 -6.94 19.11
N ILE B 160 7.62 -7.70 18.68
CA ILE B 160 6.63 -7.18 17.75
C ILE B 160 5.65 -6.33 18.55
N HIS B 161 5.44 -5.09 18.10
CA HIS B 161 4.69 -4.12 18.89
C HIS B 161 3.45 -3.57 18.18
N TYR B 162 3.22 -3.98 16.94
CA TYR B 162 2.12 -3.45 16.17
C TYR B 162 1.71 -4.47 15.12
N ILE B 163 0.41 -4.68 15.01
CA ILE B 163 -0.14 -5.58 14.01
C ILE B 163 -1.31 -4.92 13.28
N GLU B 164 -1.34 -5.10 11.97
CA GLU B 164 -2.33 -4.45 11.14
C GLU B 164 -2.89 -5.46 10.14
N ILE B 165 -4.21 -5.57 10.05
CA ILE B 165 -4.78 -6.33 8.94
C ILE B 165 -5.61 -5.46 8.01
N SER B 166 -5.57 -5.76 6.71
CA SER B 166 -6.50 -5.21 5.74
C SER B 166 -7.50 -6.30 5.39
N VAL B 167 -8.77 -5.95 5.33
CA VAL B 167 -9.80 -6.84 4.80
C VAL B 167 -10.47 -6.12 3.63
N SER B 168 -10.34 -6.68 2.44
CA SER B 168 -11.07 -6.14 1.33
C SER B 168 -12.36 -6.92 1.12
N GLU B 169 -13.47 -6.25 0.86
CA GLU B 169 -14.69 -6.96 0.45
C GLU B 169 -14.76 -7.10 -1.04
N SER B 170 -13.97 -6.32 -1.77
CA SER B 170 -13.82 -6.50 -3.22
C SER B 170 -12.46 -5.90 -3.58
N PRO B 171 -12.00 -6.03 -4.84
CA PRO B 171 -10.71 -5.37 -5.14
C PRO B 171 -10.72 -3.83 -5.04
N THR B 172 -11.90 -3.20 -4.92
CA THR B 172 -11.95 -1.74 -4.93
C THR B 172 -12.18 -1.10 -3.56
N GLN B 173 -12.51 -1.89 -2.54
CA GLN B 173 -12.84 -1.35 -1.21
C GLN B 173 -12.35 -2.19 -0.04
N LYS B 174 -11.70 -1.54 0.90
CA LYS B 174 -11.12 -2.26 2.01
C LYS B 174 -11.11 -1.51 3.33
N ALA B 175 -11.07 -2.27 4.42
CA ALA B 175 -10.91 -1.71 5.76
C ALA B 175 -9.57 -2.16 6.32
N ILE B 176 -8.95 -1.30 7.14
CA ILE B 176 -7.66 -1.56 7.75
C ILE B 176 -7.82 -1.29 9.24
N VAL B 177 -7.62 -2.33 10.05
CA VAL B 177 -7.68 -2.24 11.52
C VAL B 177 -6.33 -2.64 12.08
N HIS B 178 -6.04 -2.18 13.29
CA HIS B 178 -4.74 -2.42 13.88
C HIS B 178 -4.81 -2.55 15.40
N LYS B 179 -3.72 -3.04 15.98
CA LYS B 179 -3.57 -3.08 17.42
C LYS B 179 -2.11 -2.87 17.78
N TYR B 180 -1.86 -1.96 18.72
CA TYR B 180 -0.53 -1.80 19.31
C TYR B 180 -0.41 -2.80 20.44
N ILE B 181 0.63 -3.63 20.39
CA ILE B 181 0.88 -4.58 21.45
C ILE B 181 2.34 -4.51 21.89
N ASN C 19 -1.93 19.07 6.95
CA ASN C 19 -0.42 19.05 6.87
C ASN C 19 0.22 19.08 5.45
N SER C 20 1.44 19.64 5.37
CA SER C 20 2.06 19.98 4.09
C SER C 20 3.13 19.03 3.52
N SER C 21 3.62 18.06 4.28
CA SER C 21 4.54 17.08 3.68
C SER C 21 3.81 16.17 2.69
N ALA C 22 4.54 15.69 1.69
CA ALA C 22 3.99 14.84 0.63
C ALA C 22 4.97 13.71 0.31
N GLU C 23 4.46 12.61 -0.20
CA GLU C 23 5.29 11.47 -0.57
C GLU C 23 5.22 11.20 -2.06
N VAL C 24 6.33 10.74 -2.63
CA VAL C 24 6.32 10.16 -3.97
C VAL C 24 6.87 8.75 -3.88
N SER C 25 6.40 7.88 -4.76
CA SER C 25 6.71 6.45 -4.74
C SER C 25 6.87 5.95 -6.16
N VAL C 26 7.80 5.03 -6.35
CA VAL C 26 8.00 4.36 -7.64
C VAL C 26 8.03 2.85 -7.43
N GLU C 27 7.35 2.11 -8.30
CA GLU C 27 7.34 0.65 -8.25
C GLU C 27 7.18 0.11 -9.64
N SER C 28 7.86 -1.00 -9.93
CA SER C 28 7.74 -1.64 -11.24
C SER C 28 8.30 -3.04 -11.22
N PRO C 29 7.66 -3.96 -11.98
CA PRO C 29 8.26 -5.29 -12.23
C PRO C 29 9.69 -5.17 -12.76
N SER C 30 10.02 -4.00 -13.31
CA SER C 30 11.35 -3.69 -13.85
C SER C 30 12.41 -3.46 -12.77
N PHE C 31 11.98 -3.02 -11.58
CA PHE C 31 12.89 -2.87 -10.46
C PHE C 31 13.10 -4.20 -9.74
N SER C 32 13.77 -5.13 -10.42
CA SER C 32 13.94 -6.49 -9.94
C SER C 32 15.38 -6.97 -10.02
N PHE C 33 15.72 -7.91 -9.14
CA PHE C 33 16.91 -8.72 -9.32
C PHE C 33 16.56 -10.18 -9.07
N ASN C 34 16.96 -11.02 -10.01
CA ASN C 34 16.65 -12.42 -9.97
C ASN C 34 17.87 -13.17 -9.44
N CYS C 35 17.77 -13.69 -8.22
CA CYS C 35 18.93 -14.30 -7.55
C CYS C 35 18.65 -15.64 -6.91
N ALA C 36 19.71 -16.42 -6.72
CA ALA C 36 19.66 -17.63 -5.92
C ALA C 36 20.14 -17.32 -4.50
N HIS C 37 19.67 -18.10 -3.54
CA HIS C 37 20.11 -17.94 -2.15
C HIS C 37 19.68 -19.14 -1.31
N PHE C 38 20.14 -19.19 -0.07
CA PHE C 38 19.48 -20.01 0.94
C PHE C 38 19.70 -19.36 2.29
N ILE C 39 18.71 -19.51 3.17
CA ILE C 39 18.82 -18.98 4.52
C ILE C 39 19.49 -20.02 5.41
N ALA C 40 20.45 -19.56 6.21
CA ALA C 40 21.08 -20.38 7.24
C ALA C 40 21.25 -19.53 8.49
N TYR C 41 20.72 -20.01 9.61
CA TYR C 41 21.00 -19.42 10.93
C TYR C 41 21.16 -20.56 11.91
N ASN C 42 21.32 -20.24 13.19
CA ASN C 42 21.62 -21.27 14.21
C ASN C 42 20.66 -22.46 14.18
N GLY C 43 21.19 -23.65 13.87
CA GLY C 43 20.40 -24.89 13.83
C GLY C 43 19.43 -25.02 12.66
N PHE C 44 19.55 -24.15 11.65
CA PHE C 44 18.66 -24.19 10.50
C PHE C 44 19.35 -23.84 9.19
N ARG C 45 19.20 -24.72 8.20
CA ARG C 45 19.66 -24.46 6.84
C ARG C 45 18.63 -25.01 5.86
N GLU C 46 18.29 -24.22 4.83
CA GLU C 46 17.37 -24.65 3.80
C GLU C 46 18.11 -24.93 2.49
N THR C 47 17.43 -25.59 1.57
CA THR C 47 18.07 -25.93 0.30
C THR C 47 18.16 -24.68 -0.59
N LEU C 48 19.12 -24.70 -1.51
CA LEU C 48 19.29 -23.64 -2.49
C LEU C 48 18.03 -23.48 -3.34
N HIS C 49 17.61 -22.23 -3.54
CA HIS C 49 16.49 -21.91 -4.40
C HIS C 49 16.72 -20.47 -4.87
N GLY C 50 15.68 -19.80 -5.38
CA GLY C 50 15.84 -18.46 -5.92
C GLY C 50 14.55 -17.68 -5.87
N HIS C 51 14.66 -16.38 -6.18
CA HIS C 51 13.51 -15.46 -6.20
C HIS C 51 13.68 -14.36 -7.25
N ASN C 52 12.57 -13.80 -7.71
CA ASN C 52 12.58 -12.51 -8.38
C ASN C 52 12.30 -11.51 -7.27
N TYR C 53 13.33 -10.81 -6.83
CA TYR C 53 13.15 -9.80 -5.81
C TYR C 53 12.73 -8.52 -6.48
N ASN C 54 11.79 -7.82 -5.86
CA ASN C 54 11.27 -6.60 -6.44
C ASN C 54 11.38 -5.47 -5.43
N VAL C 55 11.79 -4.29 -5.89
CA VAL C 55 12.04 -3.16 -5.01
C VAL C 55 11.11 -1.99 -5.34
N SER C 56 10.47 -1.42 -4.32
CA SER C 56 9.79 -0.15 -4.48
C SER C 56 10.34 0.87 -3.50
N LEU C 57 10.37 2.13 -3.92
CA LEU C 57 10.96 3.22 -3.16
C LEU C 57 9.97 4.34 -2.92
N LYS C 58 9.91 4.81 -1.68
CA LYS C 58 9.07 5.93 -1.32
C LYS C 58 9.91 6.93 -0.52
N VAL C 59 9.77 8.23 -0.84
CA VAL C 59 10.39 9.28 -0.05
C VAL C 59 9.37 10.32 0.36
N ARG C 60 9.56 10.88 1.56
CA ARG C 60 8.67 11.90 2.09
C ARG C 60 9.43 13.22 2.18
N GLY C 61 8.84 14.26 1.62
CA GLY C 61 9.44 15.59 1.61
C GLY C 61 8.35 16.62 1.50
N TYR C 62 8.59 17.65 0.67
CA TYR C 62 7.64 18.74 0.44
C TYR C 62 7.62 19.06 -1.05
N VAL C 63 6.49 19.56 -1.55
CA VAL C 63 6.44 20.09 -2.92
C VAL C 63 7.37 21.31 -3.00
N ARG C 64 8.41 21.21 -3.82
CA ARG C 64 9.39 22.29 -3.93
C ARG C 64 8.98 23.26 -5.04
N ASP C 65 9.81 24.28 -5.29
CA ASP C 65 9.48 25.31 -6.28
C ASP C 65 9.49 24.83 -7.74
N ASP C 66 9.95 23.60 -7.97
CA ASP C 66 9.86 22.99 -9.30
C ASP C 66 8.58 22.15 -9.47
N GLY C 67 7.81 22.04 -8.39
CA GLY C 67 6.55 21.29 -8.39
C GLY C 67 6.61 19.85 -7.89
N TYR C 68 7.80 19.42 -7.47
CA TYR C 68 8.05 18.01 -7.13
C TYR C 68 8.45 17.85 -5.68
N VAL C 69 8.16 16.68 -5.09
CA VAL C 69 8.89 16.28 -3.88
C VAL C 69 10.35 16.03 -4.32
N ILE C 70 10.49 15.21 -5.37
CA ILE C 70 11.73 14.96 -6.12
C ILE C 70 11.29 14.34 -7.45
N ASP C 71 12.06 14.56 -8.53
CA ASP C 71 11.72 14.02 -9.84
C ASP C 71 11.61 12.48 -9.80
N PHE C 72 10.52 11.93 -10.35
CA PHE C 72 10.32 10.49 -10.44
C PHE C 72 11.52 9.83 -11.12
N SER C 73 12.03 10.47 -12.17
CA SER C 73 13.14 9.92 -12.98
C SER C 73 14.43 9.68 -12.18
N ILE C 74 14.69 10.51 -11.18
CA ILE C 74 15.84 10.30 -10.30
C ILE C 74 15.66 9.02 -9.46
N LEU C 75 14.46 8.84 -8.89
CA LEU C 75 14.15 7.66 -8.10
C LEU C 75 14.26 6.39 -8.93
N LYS C 76 13.71 6.42 -10.14
CA LYS C 76 13.74 5.24 -11.01
C LYS C 76 15.16 4.88 -11.43
N GLU C 77 15.94 5.90 -11.80
CA GLU C 77 17.32 5.74 -12.23
C GLU C 77 18.16 5.08 -11.14
N LYS C 78 17.98 5.50 -9.89
CA LYS C 78 18.75 4.97 -8.77
C LYS C 78 18.33 3.57 -8.34
N VAL C 79 17.03 3.29 -8.37
CA VAL C 79 16.52 1.96 -8.08
C VAL C 79 17.03 0.95 -9.10
N LYS C 80 16.92 1.27 -10.38
CA LYS C 80 17.39 0.38 -11.45
C LYS C 80 18.89 0.08 -11.31
N LYS C 81 19.67 1.11 -10.95
CA LYS C 81 21.10 0.96 -10.77
C LYS C 81 21.45 -0.09 -9.71
N VAL C 82 20.85 0.04 -8.53
CA VAL C 82 21.11 -0.89 -7.41
C VAL C 82 20.66 -2.30 -7.76
N CYS C 83 19.48 -2.42 -8.36
CA CYS C 83 18.94 -3.72 -8.79
C CYS C 83 19.84 -4.40 -9.82
N ASN C 84 20.30 -3.64 -10.81
CA ASN C 84 21.21 -4.18 -11.83
C ASN C 84 22.52 -4.77 -11.29
N LYS C 85 23.03 -4.21 -10.19
CA LYS C 85 24.24 -4.75 -9.55
C LYS C 85 24.00 -6.14 -8.96
N LEU C 86 22.82 -6.35 -8.40
CA LEU C 86 22.47 -7.60 -7.73
C LEU C 86 22.00 -8.70 -8.68
N ASP C 87 21.36 -8.30 -9.78
CA ASP C 87 20.70 -9.23 -10.69
C ASP C 87 21.60 -10.36 -11.17
N HIS C 88 21.08 -11.59 -11.15
CA HIS C 88 21.70 -12.77 -11.76
C HIS C 88 22.93 -13.29 -11.02
N HIS C 89 22.82 -13.39 -9.69
CA HIS C 89 23.91 -13.92 -8.86
C HIS C 89 23.34 -14.81 -7.76
N PHE C 90 24.22 -15.58 -7.15
CA PHE C 90 23.95 -16.18 -5.86
C PHE C 90 24.29 -15.12 -4.82
N ILE C 91 23.36 -14.85 -3.93
CA ILE C 91 23.62 -13.88 -2.87
C ILE C 91 24.36 -14.58 -1.74
N LEU C 92 25.59 -14.14 -1.47
CA LEU C 92 26.33 -14.71 -0.34
C LEU C 92 26.50 -13.71 0.80
N PRO C 93 26.00 -14.07 1.99
CA PRO C 93 26.05 -13.22 3.17
C PRO C 93 27.38 -13.39 3.89
N ILE C 94 28.33 -12.51 3.61
CA ILE C 94 29.70 -12.65 4.10
C ILE C 94 29.85 -12.54 5.63
N TYR C 95 28.84 -12.00 6.29
CA TYR C 95 28.90 -11.86 7.75
C TYR C 95 28.20 -13.00 8.48
N SER C 96 27.82 -14.04 7.74
CA SER C 96 27.19 -15.22 8.32
C SER C 96 28.00 -15.84 9.48
N ASP C 97 27.33 -16.11 10.59
CA ASP C 97 27.95 -16.78 11.73
C ASP C 97 27.84 -18.31 11.69
N VAL C 98 27.20 -18.85 10.65
CA VAL C 98 26.99 -20.31 10.50
C VAL C 98 27.53 -20.85 9.18
N LEU C 99 28.24 -20.00 8.45
CA LEU C 99 28.82 -20.38 7.17
C LEU C 99 30.30 -20.06 7.12
N LYS C 100 31.02 -20.92 6.40
CA LYS C 100 32.44 -20.72 6.13
C LYS C 100 32.66 -20.61 4.63
N PHE C 101 33.45 -19.63 4.24
CA PHE C 101 33.73 -19.35 2.84
C PHE C 101 35.22 -19.50 2.57
N GLU C 102 35.55 -20.26 1.54
CA GLU C 102 36.96 -20.49 1.17
C GLU C 102 37.14 -20.44 -0.34
N ASN C 103 38.21 -19.78 -0.79
CA ASN C 103 38.53 -19.67 -2.22
C ASN C 103 39.38 -20.83 -2.74
N VAL C 104 38.82 -21.56 -3.71
CA VAL C 104 39.52 -22.69 -4.35
C VAL C 104 39.45 -22.54 -5.87
N LYS C 105 40.60 -22.26 -6.47
CA LYS C 105 40.75 -21.92 -7.91
C LYS C 105 39.90 -20.69 -8.28
N ASN C 106 38.92 -20.88 -9.16
CA ASN C 106 38.02 -19.79 -9.53
C ASN C 106 36.67 -19.91 -8.84
N ASN C 107 36.58 -20.85 -7.89
CA ASN C 107 35.35 -21.12 -7.15
C ASN C 107 35.41 -20.66 -5.70
N ILE C 108 34.24 -20.35 -5.14
CA ILE C 108 34.07 -20.12 -3.72
C ILE C 108 33.29 -21.32 -3.15
N LYS C 109 33.86 -21.88 -2.10
CA LYS C 109 33.33 -23.03 -1.41
C LYS C 109 32.59 -22.55 -0.16
N ILE C 110 31.38 -23.05 0.03
CA ILE C 110 30.61 -22.74 1.24
C ILE C 110 30.40 -24.02 2.05
N ILE C 111 30.85 -24.00 3.31
CA ILE C 111 30.66 -25.14 4.20
C ILE C 111 29.66 -24.79 5.30
N CYS C 112 28.61 -25.57 5.41
CA CYS C 112 27.57 -25.36 6.42
C CYS C 112 27.86 -26.10 7.72
N GLU C 113 27.09 -25.79 8.77
CA GLU C 113 27.28 -26.40 10.09
C GLU C 113 27.11 -27.92 10.10
N ASP C 114 26.19 -28.41 9.26
CA ASP C 114 25.97 -29.85 9.08
C ASP C 114 27.03 -30.49 8.17
N ASN C 115 28.04 -29.70 7.79
CA ASN C 115 29.11 -30.13 6.89
C ASN C 115 28.73 -30.35 5.43
N SER C 116 27.53 -29.94 5.05
CA SER C 116 27.15 -29.96 3.65
C SER C 116 27.88 -28.82 2.93
N GLU C 117 28.13 -28.99 1.65
CA GLU C 117 28.98 -28.06 0.90
C GLU C 117 28.37 -27.62 -0.41
N TYR C 118 28.68 -26.38 -0.78
CA TYR C 118 28.35 -25.85 -2.09
C TYR C 118 29.65 -25.29 -2.67
N SER C 119 29.75 -25.29 -3.99
CA SER C 119 30.84 -24.59 -4.67
C SER C 119 30.32 -23.93 -5.94
N PHE C 120 30.54 -22.61 -6.04
CA PHE C 120 30.15 -21.84 -7.22
C PHE C 120 31.37 -21.11 -7.79
N PRO C 121 31.38 -20.82 -9.11
CA PRO C 121 32.41 -19.91 -9.60
C PRO C 121 32.29 -18.55 -8.91
N GLU C 122 33.43 -17.91 -8.64
CA GLU C 122 33.50 -16.60 -7.99
C GLU C 122 32.58 -15.57 -8.65
N ARG C 123 32.58 -15.58 -9.99
CA ARG C 123 31.84 -14.62 -10.82
C ARG C 123 30.30 -14.76 -10.73
N ASP C 124 29.85 -15.83 -10.09
CA ASP C 124 28.43 -16.12 -9.90
C ASP C 124 27.90 -15.67 -8.55
N CYS C 125 28.80 -15.21 -7.68
CA CYS C 125 28.40 -14.74 -6.35
C CYS C 125 28.46 -13.23 -6.24
N ILE C 126 27.47 -12.65 -5.56
CA ILE C 126 27.56 -11.27 -5.10
C ILE C 126 27.71 -11.32 -3.58
N LYS C 127 28.85 -10.85 -3.10
CA LYS C 127 29.17 -10.85 -1.67
C LYS C 127 28.56 -9.61 -1.01
N LEU C 128 27.53 -9.83 -0.21
CA LEU C 128 26.86 -8.72 0.48
C LEU C 128 27.24 -8.70 1.95
N PRO C 129 27.42 -7.49 2.52
CA PRO C 129 27.81 -7.39 3.92
C PRO C 129 26.59 -7.54 4.82
N ILE C 130 26.05 -8.76 4.83
CA ILE C 130 24.85 -9.11 5.60
C ILE C 130 25.06 -10.45 6.32
N LYS C 131 24.39 -10.65 7.44
CA LYS C 131 24.52 -11.93 8.18
C LYS C 131 23.69 -13.05 7.55
N HIS C 132 22.50 -12.68 7.04
CA HIS C 132 21.58 -13.62 6.41
C HIS C 132 21.04 -13.02 5.12
N SER C 133 20.81 -13.86 4.11
CA SER C 133 20.22 -13.40 2.87
C SER C 133 18.68 -13.38 2.97
N SER C 134 18.21 -12.88 4.11
CA SER C 134 16.80 -12.68 4.32
C SER C 134 16.36 -11.40 3.60
N THR C 135 15.08 -11.34 3.25
CA THR C 135 14.51 -10.19 2.57
C THR C 135 14.65 -8.90 3.40
N GLU C 136 14.49 -9.01 4.72
CA GLU C 136 14.77 -7.93 5.67
C GLU C 136 16.19 -7.37 5.53
N GLU C 137 17.19 -8.23 5.59
CA GLU C 137 18.59 -7.78 5.57
C GLU C 137 19.05 -7.31 4.19
N ILE C 138 18.57 -7.97 3.13
CA ILE C 138 18.80 -7.48 1.77
C ILE C 138 18.21 -6.08 1.61
N GLY C 139 16.99 -5.89 2.12
CA GLY C 139 16.34 -4.58 2.17
C GLY C 139 17.15 -3.48 2.81
N GLN C 140 17.68 -3.75 4.01
CA GLN C 140 18.58 -2.82 4.72
C GLN C 140 19.82 -2.46 3.91
N TYR C 141 20.41 -3.45 3.24
CA TYR C 141 21.53 -3.22 2.34
C TYR C 141 21.14 -2.27 1.19
N ILE C 142 20.04 -2.59 0.51
CA ILE C 142 19.54 -1.80 -0.63
C ILE C 142 19.22 -0.36 -0.20
N LEU C 143 18.58 -0.20 0.94
CA LEU C 143 18.25 1.12 1.46
C LEU C 143 19.50 1.97 1.65
N ASN C 144 20.52 1.42 2.31
CA ASN C 144 21.78 2.15 2.47
C ASN C 144 22.39 2.54 1.12
N GLN C 145 22.46 1.59 0.20
CA GLN C 145 22.99 1.83 -1.14
C GLN C 145 22.24 2.96 -1.86
N LEU C 146 20.91 2.91 -1.83
CA LEU C 146 20.05 3.92 -2.46
C LEU C 146 20.27 5.28 -1.87
N ILE C 147 20.42 5.34 -0.55
CA ILE C 147 20.69 6.59 0.15
C ILE C 147 22.03 7.17 -0.31
N GLU C 148 23.03 6.32 -0.54
CA GLU C 148 24.31 6.80 -1.04
C GLU C 148 24.26 7.22 -2.51
N GLU C 149 23.54 6.45 -3.35
CA GLU C 149 23.35 6.78 -4.77
C GLU C 149 22.61 8.12 -4.96
N MSE C 150 21.54 8.32 -4.19
CA MSE C 150 20.75 9.54 -4.30
C MSE C 150 21.45 10.73 -3.69
O MSE C 150 21.05 11.88 -3.93
CB MSE C 150 19.39 9.36 -3.67
CG MSE C 150 18.48 8.50 -4.51
SE MSE C 150 16.69 8.54 -3.78
CE MSE C 150 16.99 7.43 -2.18
N ASP C 151 22.49 10.46 -2.89
CA ASP C 151 23.33 11.48 -2.30
C ASP C 151 22.59 12.21 -1.18
N VAL C 152 23.01 11.96 0.06
CA VAL C 152 22.38 12.50 1.26
C VAL C 152 22.16 14.04 1.27
N SER C 153 23.08 14.79 0.64
CA SER C 153 22.97 16.26 0.66
C SER C 153 21.98 16.81 -0.39
N LEU C 154 21.79 16.08 -1.49
CA LEU C 154 20.72 16.40 -2.42
C LEU C 154 19.39 16.24 -1.68
N LEU C 155 19.21 15.10 -1.02
CA LEU C 155 18.00 14.82 -0.24
C LEU C 155 17.72 15.93 0.80
N LYS C 156 18.78 16.36 1.49
CA LYS C 156 18.70 17.43 2.48
C LYS C 156 18.32 18.79 1.91
N SER C 157 18.87 19.14 0.75
CA SER C 157 18.57 20.42 0.10
C SER C 157 17.12 20.52 -0.35
N ARG C 158 16.52 19.38 -0.66
CA ARG C 158 15.11 19.28 -1.02
C ARG C 158 14.21 19.04 0.21
N HIS C 159 14.82 18.96 1.39
CA HIS C 159 14.09 18.75 2.66
C HIS C 159 13.39 17.39 2.75
N ILE C 160 13.95 16.39 2.07
CA ILE C 160 13.47 15.01 2.20
C ILE C 160 13.97 14.47 3.54
N HIS C 161 13.05 13.95 4.35
CA HIS C 161 13.38 13.56 5.74
C HIS C 161 13.12 12.09 6.07
N TYR C 162 12.58 11.36 5.12
CA TYR C 162 12.19 9.98 5.35
C TYR C 162 12.25 9.21 4.06
N ILE C 163 12.82 8.01 4.14
CA ILE C 163 12.90 7.17 2.97
C ILE C 163 12.60 5.73 3.34
N GLU C 164 11.83 5.06 2.49
CA GLU C 164 11.35 3.73 2.80
C GLU C 164 11.43 2.89 1.56
N ILE C 165 11.99 1.69 1.70
CA ILE C 165 11.89 0.73 0.60
C ILE C 165 11.16 -0.55 0.99
N SER C 166 10.43 -1.11 0.03
CA SER C 166 9.84 -2.42 0.16
C SER C 166 10.63 -3.35 -0.73
N VAL C 167 10.97 -4.52 -0.19
CA VAL C 167 11.57 -5.59 -0.97
C VAL C 167 10.66 -6.80 -0.87
N SER C 168 10.11 -7.22 -1.99
CA SER C 168 9.35 -8.46 -2.00
C SER C 168 10.22 -9.62 -2.49
N GLU C 169 10.16 -10.75 -1.82
CA GLU C 169 10.83 -11.95 -2.34
C GLU C 169 9.94 -12.71 -3.31
N SER C 170 8.64 -12.46 -3.22
CA SER C 170 7.64 -12.97 -4.16
C SER C 170 6.45 -12.01 -4.13
N PRO C 171 5.46 -12.19 -5.01
CA PRO C 171 4.27 -11.32 -4.94
C PRO C 171 3.47 -11.42 -3.63
N THR C 172 3.79 -12.38 -2.77
CA THR C 172 2.98 -12.62 -1.58
C THR C 172 3.64 -12.23 -0.26
N GLN C 173 4.95 -11.99 -0.28
CA GLN C 173 5.66 -11.62 0.95
C GLN C 173 6.71 -10.55 0.75
N LYS C 174 6.70 -9.56 1.62
CA LYS C 174 7.69 -8.52 1.51
C LYS C 174 8.17 -7.96 2.84
N ALA C 175 9.33 -7.32 2.81
CA ALA C 175 9.87 -6.60 3.93
C ALA C 175 9.91 -5.08 3.61
N ILE C 176 9.66 -4.26 4.62
CA ILE C 176 9.66 -2.81 4.48
C ILE C 176 10.63 -2.24 5.53
N VAL C 177 11.70 -1.60 5.06
CA VAL C 177 12.67 -0.94 5.92
C VAL C 177 12.68 0.55 5.62
N HIS C 178 13.10 1.37 6.57
CA HIS C 178 13.07 2.81 6.43
C HIS C 178 14.24 3.49 7.15
N LYS C 179 14.47 4.75 6.80
CA LYS C 179 15.41 5.60 7.52
C LYS C 179 14.89 7.04 7.59
N TYR C 180 14.92 7.62 8.78
CA TYR C 180 14.66 9.03 8.92
C TYR C 180 15.97 9.75 8.71
N ILE C 181 15.95 10.75 7.84
CA ILE C 181 17.12 11.57 7.55
C ILE C 181 16.69 13.04 7.54
ZN ZN D . 3.92 13.86 -17.46
N1 BIO E . 8.14 13.93 -11.01
N2 BIO E . 7.61 14.11 -8.76
C2 BIO E . 7.22 14.18 -10.06
N3 BIO E . 5.96 14.50 -10.45
C4A BIO E . 6.46 14.34 -12.82
C8A BIO E . 7.81 14.00 -12.35
N8 BIO E . 8.77 13.76 -13.29
C7 BIO E . 8.52 13.81 -14.62
C6 BIO E . 7.24 14.10 -15.07
N5 BIO E . 6.26 14.36 -14.16
C9 BIO E . 6.95 14.16 -16.56
O9 BIO E . 5.83 15.09 -16.87
C10 BIO E . 6.67 12.76 -17.21
O10 BIO E . 5.26 12.47 -17.23
C11 BIO E . 7.41 11.56 -16.58
ZN ZN F . -21.67 -6.28 1.03
N1 BIO G . -19.15 0.58 3.70
N2 BIO G . -17.45 1.22 5.13
C2 BIO G . -18.24 0.23 4.62
N3 BIO G . -18.10 -1.06 5.03
C4 BIO G . -18.88 -2.06 4.56
O4 BIO G . -18.77 -3.23 4.93
C4A BIO G . -19.89 -1.75 3.53
C8A BIO G . -19.97 -0.35 3.14
N8 BIO G . -20.86 -0.03 2.20
C7 BIO G . -21.67 -0.93 1.67
C6 BIO G . -21.62 -2.26 1.98
N5 BIO G . -20.73 -2.66 2.95
C9 BIO G . -22.62 -3.19 1.31
O9 BIO G . -22.79 -4.45 2.00
C10 BIO G . -22.42 -3.62 -0.16
O10 BIO G . -21.18 -4.39 -0.36
C11 BIO G . -22.76 -2.49 -1.14
ZN ZN H . 13.93 -17.64 0.05
N1 BIO I . 10.76 -14.93 6.45
N2 BIO I . 10.71 -12.80 7.40
C2 BIO I . 11.21 -13.66 6.46
N3 BIO I . 12.14 -13.22 5.57
C4 BIO I . 12.67 -14.00 4.61
O4 BIO I . 13.50 -13.50 3.82
C4A BIO I . 12.23 -15.43 4.54
C8A BIO I . 11.23 -15.83 5.56
N8 BIO I . 10.77 -17.09 5.57
C7 BIO I . 11.22 -17.99 4.69
C6 BIO I . 12.16 -17.66 3.71
N5 BIO I . 12.65 -16.36 3.65
C9 BIO I . 12.54 -18.76 2.76
O9 BIO I . 13.92 -18.69 2.30
C10 BIO I . 11.58 -18.85 1.55
O10 BIO I . 11.44 -17.61 0.84
C11 BIO I . 10.15 -19.37 1.86
#